data_7MFN
#
_entry.id   7MFN
#
_cell.length_a   76.999
_cell.length_b   174.446
_cell.length_c   44.523
_cell.angle_alpha   90.000
_cell.angle_beta   90.000
_cell.angle_gamma   90.000
#
_symmetry.space_group_name_H-M   'P 21 21 2'
#
loop_
_entity.id
_entity.type
_entity.pdbx_description
1 polymer 'N-acetylmannosamine-6-phosphate 2-epimerase'
2 non-polymer 'CITRIC ACID'
3 non-polymer 'CHLORIDE ION'
4 non-polymer 1,2-ETHANEDIOL
5 water water
#
_entity_poly.entity_id   1
_entity_poly.type   'polypeptide(L)'
_entity_poly.pdbx_seq_one_letter_code
;MLPHGLIVSCQALPDEPLHSSFIMSKMALAAYEGGAVGIRANTKEDILAIKETVDLPVIGIVKRDYDHSDVFITATSKEV
DELIESQCEVIALDATLQQRPKETLDELVSYIRTHAPNVEIMADIATVEEAKNAARLGFDYIGTTLHGYTSYTQGQLLYQ
NDFQFLKDVLQSVDAKVIAAGNVITPDMYKRVMDLGVHCSVVGGAITRPKEITKRFVQIMED
;
_entity_poly.pdbx_strand_id   BBB,AAA
#
# COMPACT_ATOMS: atom_id res chain seq x y z
N MET A 1 -23.16 -14.40 4.20
CA MET A 1 -23.10 -13.54 2.99
CA MET A 1 -23.20 -13.45 3.04
C MET A 1 -22.10 -12.41 3.20
N LEU A 2 -21.61 -11.86 2.11
CA LEU A 2 -20.72 -10.70 2.23
C LEU A 2 -21.53 -9.51 2.71
N PRO A 3 -21.03 -8.71 3.66
CA PRO A 3 -21.61 -7.41 3.93
C PRO A 3 -21.45 -6.38 2.83
N HIS A 4 -22.14 -5.26 2.96
CA HIS A 4 -21.84 -4.07 2.16
C HIS A 4 -20.48 -3.57 2.65
N GLY A 5 -19.71 -2.97 1.76
CA GLY A 5 -18.51 -2.23 2.16
C GLY A 5 -17.33 -2.64 1.33
N LEU A 6 -16.16 -2.52 1.93
CA LEU A 6 -14.86 -2.67 1.24
C LEU A 6 -14.29 -4.07 1.38
N ILE A 7 -14.06 -4.73 0.25
CA ILE A 7 -13.31 -6.00 0.16
C ILE A 7 -11.89 -5.67 -0.27
N VAL A 8 -10.90 -5.98 0.55
CA VAL A 8 -9.49 -5.76 0.18
C VAL A 8 -8.92 -7.04 -0.40
N SER A 9 -8.42 -6.94 -1.62
CA SER A 9 -7.72 -8.05 -2.31
C SER A 9 -6.25 -8.06 -1.91
N CYS A 10 -5.82 -9.18 -1.36
CA CYS A 10 -4.46 -9.39 -0.82
C CYS A 10 -3.78 -10.45 -1.68
N GLN A 11 -3.30 -10.06 -2.83
CA GLN A 11 -2.67 -10.95 -3.82
C GLN A 11 -1.23 -10.50 -4.13
N ALA A 12 -0.42 -11.48 -4.41
CA ALA A 12 0.96 -11.29 -4.89
C ALA A 12 1.40 -12.56 -5.61
N LEU A 13 1.37 -12.49 -6.91
CA LEU A 13 1.61 -13.68 -7.76
C LEU A 13 3.11 -13.97 -7.75
N PRO A 14 3.53 -15.12 -8.30
CA PRO A 14 4.90 -15.57 -8.09
C PRO A 14 5.99 -14.56 -8.47
N ASP A 15 5.81 -13.74 -9.46
CA ASP A 15 6.88 -12.77 -9.88
C ASP A 15 6.84 -11.50 -9.01
N GLU A 16 5.82 -11.33 -8.20
CA GLU A 16 5.68 -10.03 -7.48
C GLU A 16 6.53 -9.97 -6.22
N PRO A 17 6.92 -8.76 -5.76
CA PRO A 17 7.79 -8.61 -4.61
C PRO A 17 7.27 -9.27 -3.33
N LEU A 18 5.96 -9.21 -3.09
CA LEU A 18 5.39 -9.65 -1.80
C LEU A 18 4.86 -11.10 -1.86
N HIS A 19 5.17 -11.87 -2.92
CA HIS A 19 4.69 -13.28 -3.02
C HIS A 19 5.02 -14.02 -1.71
N SER A 20 4.04 -14.46 -0.97
CA SER A 20 4.21 -15.05 0.38
C SER A 20 2.83 -15.22 1.00
N SER A 21 2.45 -16.43 1.42
CA SER A 21 1.21 -16.64 2.22
C SER A 21 1.26 -15.82 3.51
N PHE A 22 2.42 -15.81 4.19
CA PHE A 22 2.58 -15.03 5.43
C PHE A 22 2.36 -13.55 5.13
N ILE A 23 3.04 -12.97 4.15
CA ILE A 23 2.84 -11.53 3.91
C ILE A 23 1.38 -11.24 3.56
N MET A 24 0.78 -12.06 2.70
CA MET A 24 -0.64 -11.73 2.38
C MET A 24 -1.52 -11.86 3.63
N SER A 25 -1.24 -12.77 4.56
CA SER A 25 -2.02 -12.87 5.80
C SER A 25 -1.90 -11.56 6.59
N LYS A 26 -0.74 -10.89 6.56
CA LYS A 26 -0.53 -9.62 7.27
C LYS A 26 -1.13 -8.43 6.54
N MET A 27 -1.18 -8.49 5.21
N MET A 27 -1.18 -8.48 5.22
CA MET A 27 -1.97 -7.53 4.42
CA MET A 27 -1.97 -7.50 4.44
C MET A 27 -3.45 -7.65 4.84
C MET A 27 -3.44 -7.64 4.83
N ALA A 28 -3.95 -8.87 4.95
CA ALA A 28 -5.37 -9.09 5.35
C ALA A 28 -5.63 -8.60 6.77
N LEU A 29 -4.68 -8.83 7.70
CA LEU A 29 -4.82 -8.30 9.07
C LEU A 29 -4.87 -6.76 9.04
N ALA A 30 -4.01 -6.12 8.25
CA ALA A 30 -4.00 -4.67 8.10
C ALA A 30 -5.34 -4.15 7.57
N ALA A 31 -5.88 -4.84 6.58
CA ALA A 31 -7.18 -4.49 5.97
C ALA A 31 -8.28 -4.59 7.03
N TYR A 32 -8.27 -5.68 7.79
CA TYR A 32 -9.24 -5.86 8.89
C TYR A 32 -9.13 -4.71 9.86
N GLU A 33 -7.92 -4.37 10.30
CA GLU A 33 -7.72 -3.30 11.32
C GLU A 33 -8.11 -1.94 10.75
N GLY A 34 -8.07 -1.74 9.42
CA GLY A 34 -8.53 -0.51 8.78
C GLY A 34 -10.02 -0.43 8.46
N GLY A 35 -10.78 -1.51 8.63
CA GLY A 35 -12.23 -1.45 8.42
C GLY A 35 -12.77 -2.22 7.22
N ALA A 36 -12.00 -3.09 6.59
CA ALA A 36 -12.50 -3.97 5.52
C ALA A 36 -13.55 -4.92 6.08
N VAL A 37 -14.53 -5.26 5.25
CA VAL A 37 -15.58 -6.26 5.60
C VAL A 37 -15.34 -7.61 4.99
N GLY A 38 -14.35 -7.77 4.13
CA GLY A 38 -14.00 -9.04 3.55
C GLY A 38 -12.65 -8.96 2.85
N ILE A 39 -12.17 -10.09 2.42
CA ILE A 39 -10.85 -10.25 1.79
C ILE A 39 -11.05 -11.02 0.50
N ARG A 40 -10.30 -10.70 -0.55
CA ARG A 40 -10.17 -11.55 -1.73
C ARG A 40 -8.73 -12.02 -1.76
N ALA A 41 -8.51 -13.31 -2.07
CA ALA A 41 -7.15 -13.88 -2.05
C ALA A 41 -7.02 -15.01 -3.06
N ASN A 42 -5.77 -15.30 -3.36
CA ASN A 42 -5.36 -16.13 -4.49
C ASN A 42 -4.57 -17.35 -3.97
N THR A 43 -4.99 -18.58 -4.26
CA THR A 43 -4.33 -19.86 -3.89
C THR A 43 -4.75 -20.37 -2.51
N LYS A 44 -4.88 -21.69 -2.40
N LYS A 44 -4.88 -21.69 -2.40
CA LYS A 44 -5.28 -22.33 -1.14
CA LYS A 44 -5.26 -22.35 -1.14
C LYS A 44 -4.31 -21.94 0.01
C LYS A 44 -4.32 -21.93 0.00
N GLU A 45 -3.00 -21.92 -0.25
CA GLU A 45 -2.00 -21.64 0.83
C GLU A 45 -2.21 -20.21 1.35
N ASP A 46 -2.41 -19.24 0.45
CA ASP A 46 -2.67 -17.86 0.95
C ASP A 46 -3.97 -17.80 1.74
N ILE A 47 -5.05 -18.40 1.19
CA ILE A 47 -6.35 -18.38 1.83
C ILE A 47 -6.30 -19.02 3.23
N LEU A 48 -5.66 -20.17 3.35
CA LEU A 48 -5.61 -20.86 4.67
C LEU A 48 -4.88 -19.95 5.68
N ALA A 49 -3.80 -19.30 5.25
CA ALA A 49 -3.02 -18.42 6.14
C ALA A 49 -3.89 -17.25 6.57
N ILE A 50 -4.59 -16.65 5.62
CA ILE A 50 -5.51 -15.54 5.92
C ILE A 50 -6.60 -15.92 6.90
N LYS A 51 -7.21 -17.08 6.70
CA LYS A 51 -8.37 -17.51 7.51
C LYS A 51 -7.93 -17.89 8.92
N GLU A 52 -6.64 -18.16 9.14
CA GLU A 52 -6.14 -18.36 10.52
C GLU A 52 -5.75 -17.03 11.15
N THR A 53 -5.77 -15.93 10.41
CA THR A 53 -5.30 -14.61 10.88
C THR A 53 -6.50 -13.70 11.15
N VAL A 54 -7.53 -13.74 10.29
CA VAL A 54 -8.73 -12.87 10.38
C VAL A 54 -9.92 -13.80 10.13
N ASP A 55 -11.06 -13.43 10.68
CA ASP A 55 -12.31 -14.21 10.53
C ASP A 55 -13.19 -13.58 9.44
N LEU A 56 -12.73 -12.52 8.80
CA LEU A 56 -13.48 -11.89 7.68
C LEU A 56 -13.77 -12.97 6.67
N PRO A 57 -14.91 -12.85 5.96
CA PRO A 57 -15.15 -13.72 4.83
C PRO A 57 -14.18 -13.49 3.69
N VAL A 58 -13.82 -14.58 3.09
CA VAL A 58 -12.83 -14.60 2.00
C VAL A 58 -13.46 -15.05 0.69
N ILE A 59 -13.27 -14.25 -0.34
CA ILE A 59 -13.46 -14.62 -1.75
C ILE A 59 -12.18 -15.21 -2.26
N GLY A 60 -12.20 -16.52 -2.55
CA GLY A 60 -11.02 -17.22 -3.03
C GLY A 60 -11.01 -17.39 -4.53
N ILE A 61 -9.85 -17.30 -5.13
CA ILE A 61 -9.54 -17.64 -6.53
C ILE A 61 -8.28 -18.46 -6.57
N VAL A 62 -8.07 -19.10 -7.69
CA VAL A 62 -6.72 -19.58 -8.05
C VAL A 62 -6.36 -19.11 -9.44
N LYS A 63 -5.44 -18.16 -9.53
CA LYS A 63 -4.89 -17.74 -10.83
C LYS A 63 -3.87 -18.80 -11.27
N ARG A 64 -4.14 -19.44 -12.40
CA ARG A 64 -3.23 -20.47 -12.96
C ARG A 64 -3.46 -20.49 -14.46
N ASP A 65 -2.40 -20.33 -15.25
CA ASP A 65 -2.45 -20.28 -16.72
C ASP A 65 -2.43 -21.71 -17.27
N TYR A 66 -3.18 -21.92 -18.33
CA TYR A 66 -3.31 -23.22 -19.04
C TYR A 66 -3.05 -22.98 -20.52
N ASP A 67 -2.44 -23.94 -21.22
CA ASP A 67 -2.19 -23.77 -22.68
C ASP A 67 -3.54 -23.84 -23.41
N HIS A 68 -3.67 -23.13 -24.52
CA HIS A 68 -4.86 -23.20 -25.42
C HIS A 68 -6.14 -22.86 -24.65
N SER A 69 -6.03 -21.97 -23.65
CA SER A 69 -7.18 -21.25 -23.04
C SER A 69 -6.69 -19.89 -22.53
N ASP A 70 -7.52 -18.86 -22.65
CA ASP A 70 -7.22 -17.50 -22.13
C ASP A 70 -7.83 -17.37 -20.72
N VAL A 71 -8.50 -18.40 -20.25
CA VAL A 71 -9.13 -18.42 -18.91
C VAL A 71 -8.03 -18.75 -17.89
N PHE A 72 -7.86 -17.89 -16.88
CA PHE A 72 -6.83 -18.19 -15.85
C PHE A 72 -7.31 -17.94 -14.42
N ILE A 73 -8.50 -17.38 -14.22
CA ILE A 73 -9.07 -17.25 -12.86
C ILE A 73 -9.95 -18.47 -12.56
N THR A 74 -9.45 -19.40 -11.76
CA THR A 74 -10.20 -20.60 -11.33
C THR A 74 -10.67 -21.36 -12.58
N ALA A 75 -9.73 -21.75 -13.43
CA ALA A 75 -10.00 -22.22 -14.81
C ALA A 75 -10.73 -23.58 -14.80
N THR A 76 -10.36 -24.51 -13.93
CA THR A 76 -10.82 -25.94 -13.99
C THR A 76 -11.27 -26.46 -12.62
N SER A 77 -11.73 -27.71 -12.55
CA SER A 77 -12.12 -28.36 -11.28
C SER A 77 -10.87 -28.50 -10.38
N LYS A 78 -9.67 -28.48 -10.93
CA LYS A 78 -8.44 -28.62 -10.11
C LYS A 78 -8.40 -27.41 -9.15
N GLU A 79 -8.63 -26.24 -9.70
CA GLU A 79 -8.62 -24.98 -8.90
C GLU A 79 -9.84 -24.98 -7.99
N VAL A 80 -11.03 -25.39 -8.48
CA VAL A 80 -12.19 -25.43 -7.59
C VAL A 80 -11.91 -26.33 -6.38
N ASP A 81 -11.32 -27.53 -6.59
CA ASP A 81 -11.09 -28.47 -5.47
C ASP A 81 -10.14 -27.83 -4.45
N GLU A 82 -9.15 -27.09 -4.93
CA GLU A 82 -8.17 -26.38 -4.03
C GLU A 82 -8.96 -25.36 -3.21
N LEU A 83 -9.90 -24.63 -3.82
CA LEU A 83 -10.72 -23.63 -3.08
C LEU A 83 -11.73 -24.26 -2.13
N ILE A 84 -12.25 -25.45 -2.47
CA ILE A 84 -13.12 -26.16 -1.51
C ILE A 84 -12.31 -26.52 -0.25
N GLU A 85 -11.11 -26.99 -0.47
CA GLU A 85 -10.21 -27.40 0.64
C GLU A 85 -9.91 -26.14 1.47
N SER A 86 -9.76 -24.98 0.84
CA SER A 86 -9.42 -23.71 1.54
C SER A 86 -10.51 -23.25 2.51
N GLN A 87 -11.77 -23.64 2.31
N GLN A 87 -11.76 -23.67 2.29
CA GLN A 87 -12.92 -23.25 3.18
CA GLN A 87 -12.99 -23.32 3.06
C GLN A 87 -13.31 -21.79 2.99
C GLN A 87 -13.29 -21.81 2.99
N CYS A 88 -12.85 -21.15 1.91
CA CYS A 88 -13.27 -19.77 1.65
C CYS A 88 -14.78 -19.73 1.51
N GLU A 89 -15.38 -18.64 1.96
CA GLU A 89 -16.85 -18.44 2.02
C GLU A 89 -17.42 -18.31 0.61
N VAL A 90 -16.65 -17.69 -0.28
CA VAL A 90 -17.09 -17.38 -1.68
C VAL A 90 -16.01 -17.87 -2.60
N ILE A 91 -16.38 -18.67 -3.60
CA ILE A 91 -15.48 -19.12 -4.68
C ILE A 91 -15.76 -18.22 -5.87
N ALA A 92 -14.73 -17.50 -6.31
CA ALA A 92 -14.82 -16.67 -7.54
C ALA A 92 -14.14 -17.38 -8.68
N LEU A 93 -14.66 -17.21 -9.90
CA LEU A 93 -14.05 -17.74 -11.12
C LEU A 93 -14.34 -16.80 -12.27
N ASP A 94 -13.46 -16.79 -13.26
CA ASP A 94 -13.74 -16.30 -14.62
C ASP A 94 -15.11 -16.85 -15.00
N ALA A 95 -16.05 -15.96 -15.32
CA ALA A 95 -17.39 -16.33 -15.79
C ALA A 95 -17.61 -15.73 -17.17
N THR A 96 -16.53 -15.67 -17.95
CA THR A 96 -16.59 -15.21 -19.35
C THR A 96 -17.11 -16.33 -20.25
N LEU A 97 -17.42 -15.98 -21.48
CA LEU A 97 -17.82 -17.00 -22.47
C LEU A 97 -16.62 -17.70 -23.09
N GLN A 98 -15.41 -17.42 -22.67
CA GLN A 98 -14.18 -18.02 -23.25
C GLN A 98 -14.07 -19.51 -22.95
N GLN A 99 -13.56 -20.28 -23.95
CA GLN A 99 -13.46 -21.73 -23.77
C GLN A 99 -12.41 -21.96 -22.68
N ARG A 100 -12.73 -22.84 -21.77
CA ARG A 100 -11.90 -23.17 -20.59
C ARG A 100 -11.06 -24.38 -20.95
N PRO A 101 -10.05 -24.71 -20.15
CA PRO A 101 -9.19 -25.87 -20.47
C PRO A 101 -9.88 -27.23 -20.37
N LYS A 102 -10.84 -27.40 -19.50
CA LYS A 102 -11.42 -28.69 -19.09
C LYS A 102 -12.94 -28.54 -19.04
N GLU A 103 -13.53 -28.45 -17.87
CA GLU A 103 -14.98 -28.25 -17.64
C GLU A 103 -15.39 -26.87 -18.19
N THR A 104 -16.61 -26.81 -18.73
CA THR A 104 -17.20 -25.52 -19.12
C THR A 104 -17.53 -24.74 -17.86
N LEU A 105 -17.87 -23.47 -18.05
CA LEU A 105 -18.39 -22.66 -16.94
C LEU A 105 -19.61 -23.30 -16.32
N ASP A 106 -20.58 -23.70 -17.16
CA ASP A 106 -21.85 -24.25 -16.69
C ASP A 106 -21.55 -25.53 -15.89
N GLU A 107 -20.64 -26.35 -16.38
CA GLU A 107 -20.18 -27.61 -15.72
CA GLU A 107 -20.26 -27.60 -15.67
C GLU A 107 -19.63 -27.26 -14.31
N LEU A 108 -18.79 -26.22 -14.23
CA LEU A 108 -18.09 -25.91 -12.95
C LEU A 108 -19.07 -25.35 -11.94
N VAL A 109 -20.05 -24.52 -12.39
CA VAL A 109 -21.06 -24.02 -11.46
C VAL A 109 -21.80 -25.19 -10.81
N SER A 110 -22.30 -26.14 -11.61
N SER A 110 -22.31 -26.14 -11.59
N SER A 110 -22.29 -26.11 -11.65
CA SER A 110 -23.03 -27.31 -11.07
CA SER A 110 -23.07 -27.27 -10.98
CA SER A 110 -23.00 -27.34 -11.21
C SER A 110 -22.12 -28.10 -10.13
C SER A 110 -22.13 -28.13 -10.12
C SER A 110 -22.13 -28.09 -10.18
N TYR A 111 -20.86 -28.30 -10.52
CA TYR A 111 -19.81 -28.96 -9.70
C TYR A 111 -19.68 -28.28 -8.35
N ILE A 112 -19.64 -26.93 -8.31
CA ILE A 112 -19.53 -26.25 -7.00
C ILE A 112 -20.80 -26.45 -6.18
N ARG A 113 -22.00 -26.39 -6.79
CA ARG A 113 -23.24 -26.42 -6.03
C ARG A 113 -23.39 -27.83 -5.41
N THR A 114 -22.84 -28.86 -6.03
N THR A 114 -22.92 -28.84 -6.15
CA THR A 114 -23.01 -30.26 -5.50
CA THR A 114 -22.89 -30.27 -5.73
C THR A 114 -21.85 -30.67 -4.58
C THR A 114 -21.93 -30.45 -4.55
N HIS A 115 -20.64 -30.18 -4.80
CA HIS A 115 -19.46 -30.53 -3.97
C HIS A 115 -19.23 -29.53 -2.84
N ALA A 116 -19.88 -28.36 -2.85
CA ALA A 116 -19.70 -27.34 -1.79
C ALA A 116 -20.98 -26.55 -1.62
N PRO A 117 -22.07 -27.21 -1.16
CA PRO A 117 -23.38 -26.57 -1.12
C PRO A 117 -23.49 -25.36 -0.20
N ASN A 118 -22.53 -25.17 0.72
CA ASN A 118 -22.64 -24.05 1.67
C ASN A 118 -21.78 -22.85 1.25
N VAL A 119 -21.15 -22.91 0.07
N VAL A 119 -21.12 -22.94 0.10
CA VAL A 119 -20.19 -21.88 -0.45
CA VAL A 119 -20.36 -21.75 -0.37
C VAL A 119 -20.90 -21.03 -1.52
C VAL A 119 -21.27 -20.91 -1.26
N GLU A 120 -20.87 -19.68 -1.39
CA GLU A 120 -21.45 -18.77 -2.40
C GLU A 120 -20.47 -18.69 -3.56
N ILE A 121 -20.94 -18.26 -4.73
CA ILE A 121 -20.08 -18.13 -5.92
C ILE A 121 -20.16 -16.70 -6.48
N MET A 122 -18.99 -16.26 -6.95
CA MET A 122 -18.80 -14.92 -7.53
C MET A 122 -18.33 -15.11 -8.98
N ALA A 123 -19.00 -14.41 -9.91
CA ALA A 123 -18.70 -14.44 -11.34
C ALA A 123 -17.80 -13.26 -11.67
N ASP A 124 -16.60 -13.51 -12.15
CA ASP A 124 -15.71 -12.45 -12.68
C ASP A 124 -16.04 -12.27 -14.16
N ILE A 125 -16.74 -11.21 -14.52
CA ILE A 125 -17.19 -11.03 -15.92
C ILE A 125 -16.49 -9.84 -16.56
N ALA A 126 -16.63 -9.76 -17.88
CA ALA A 126 -16.07 -8.66 -18.69
C ALA A 126 -17.15 -7.81 -19.41
N THR A 127 -18.34 -8.35 -19.62
CA THR A 127 -19.42 -7.73 -20.43
C THR A 127 -20.77 -7.84 -19.77
N VAL A 128 -21.73 -7.01 -20.19
CA VAL A 128 -23.12 -7.06 -19.67
C VAL A 128 -23.70 -8.42 -20.01
N GLU A 129 -23.42 -8.93 -21.20
CA GLU A 129 -24.02 -10.24 -21.62
C GLU A 129 -23.49 -11.35 -20.73
N GLU A 130 -22.23 -11.30 -20.32
CA GLU A 130 -21.69 -12.28 -19.36
C GLU A 130 -22.34 -12.07 -18.00
N ALA A 131 -22.59 -10.84 -17.58
CA ALA A 131 -23.32 -10.59 -16.32
C ALA A 131 -24.68 -11.30 -16.39
N LYS A 132 -25.42 -11.14 -17.48
CA LYS A 132 -26.75 -11.76 -17.64
CA LYS A 132 -26.76 -11.74 -17.57
C LYS A 132 -26.62 -13.28 -17.61
N ASN A 133 -25.61 -13.82 -18.29
CA ASN A 133 -25.37 -15.29 -18.25
C ASN A 133 -25.10 -15.76 -16.81
N ALA A 134 -24.32 -14.98 -16.06
CA ALA A 134 -24.01 -15.40 -14.68
C ALA A 134 -25.25 -15.36 -13.83
N ALA A 135 -26.17 -14.43 -14.04
CA ALA A 135 -27.47 -14.38 -13.31
C ALA A 135 -28.24 -15.65 -13.71
N ARG A 136 -28.23 -16.00 -15.00
CA ARG A 136 -28.89 -17.25 -15.48
C ARG A 136 -28.36 -18.46 -14.71
N LEU A 137 -27.06 -18.54 -14.48
CA LEU A 137 -26.38 -19.69 -13.85
C LEU A 137 -26.55 -19.63 -12.31
N GLY A 138 -27.16 -18.58 -11.76
CA GLY A 138 -27.48 -18.45 -10.32
C GLY A 138 -26.26 -18.06 -9.49
N PHE A 139 -25.37 -17.26 -10.03
CA PHE A 139 -24.27 -16.70 -9.20
C PHE A 139 -24.86 -15.82 -8.12
N ASP A 140 -24.23 -15.88 -6.94
CA ASP A 140 -24.60 -15.04 -5.80
C ASP A 140 -24.07 -13.60 -5.96
N TYR A 141 -22.88 -13.45 -6.56
CA TYR A 141 -22.26 -12.14 -6.78
C TYR A 141 -21.77 -12.10 -8.21
N ILE A 142 -21.86 -10.90 -8.79
CA ILE A 142 -21.37 -10.70 -10.17
C ILE A 142 -20.42 -9.50 -10.13
N GLY A 143 -19.13 -9.76 -10.44
CA GLY A 143 -18.09 -8.73 -10.37
C GLY A 143 -17.63 -8.29 -11.73
N THR A 144 -17.13 -7.06 -11.80
CA THR A 144 -16.66 -6.46 -13.07
C THR A 144 -15.17 -6.72 -13.34
N THR A 145 -14.60 -7.70 -12.64
CA THR A 145 -13.17 -7.98 -12.54
C THR A 145 -12.45 -8.00 -13.88
N LEU A 146 -13.05 -8.61 -14.90
CA LEU A 146 -12.32 -8.84 -16.17
C LEU A 146 -12.71 -7.82 -17.23
N HIS A 147 -13.46 -6.80 -16.89
CA HIS A 147 -13.83 -5.74 -17.87
C HIS A 147 -12.56 -4.97 -18.26
N GLY A 148 -12.23 -5.05 -19.54
CA GLY A 148 -11.01 -4.41 -20.05
C GLY A 148 -9.82 -5.35 -20.10
N TYR A 149 -9.95 -6.59 -19.60
CA TYR A 149 -8.88 -7.60 -19.46
C TYR A 149 -9.19 -8.86 -20.27
N THR A 150 -10.00 -8.72 -21.32
CA THR A 150 -10.23 -9.77 -22.33
C THR A 150 -10.02 -9.20 -23.72
N SER A 151 -9.77 -10.06 -24.67
CA SER A 151 -9.46 -9.64 -26.06
C SER A 151 -10.66 -8.91 -26.67
N TYR A 152 -11.89 -9.09 -26.18
CA TYR A 152 -13.12 -8.44 -26.72
C TYR A 152 -13.58 -7.22 -25.89
N THR A 153 -12.78 -6.79 -24.89
CA THR A 153 -13.04 -5.54 -24.14
C THR A 153 -11.78 -4.68 -24.11
N GLN A 154 -10.94 -4.77 -25.11
CA GLN A 154 -9.70 -3.94 -25.11
C GLN A 154 -10.03 -2.46 -25.18
N GLY A 155 -9.29 -1.68 -24.38
CA GLY A 155 -9.43 -0.22 -24.28
C GLY A 155 -10.52 0.21 -23.33
N GLN A 156 -11.27 -0.73 -22.77
CA GLN A 156 -12.40 -0.37 -21.88
C GLN A 156 -11.85 -0.46 -20.44
N LEU A 157 -12.27 0.45 -19.61
CA LEU A 157 -11.86 0.47 -18.19
C LEU A 157 -13.08 0.88 -17.38
N LEU A 158 -13.23 0.30 -16.20
CA LEU A 158 -14.47 0.45 -15.40
C LEU A 158 -14.87 1.92 -15.25
N TYR A 159 -13.92 2.81 -14.95
CA TYR A 159 -14.22 4.21 -14.56
C TYR A 159 -14.61 5.03 -15.79
N GLN A 160 -14.40 4.53 -17.01
CA GLN A 160 -14.62 5.40 -18.20
C GLN A 160 -16.07 5.87 -18.31
N ASN A 161 -16.25 7.11 -18.76
CA ASN A 161 -17.60 7.67 -18.96
C ASN A 161 -18.38 7.56 -17.65
N ASP A 162 -17.79 8.05 -16.55
CA ASP A 162 -18.48 8.02 -15.24
C ASP A 162 -19.09 6.62 -15.01
N PHE A 163 -18.27 5.59 -15.15
CA PHE A 163 -18.62 4.21 -14.71
C PHE A 163 -19.82 3.72 -15.51
N GLN A 164 -19.93 4.10 -16.79
CA GLN A 164 -21.08 3.64 -17.61
C GLN A 164 -21.19 2.10 -17.68
N PHE A 165 -20.07 1.39 -17.81
CA PHE A 165 -20.14 -0.11 -17.83
C PHE A 165 -20.82 -0.63 -16.56
N LEU A 166 -20.42 -0.11 -15.40
CA LEU A 166 -21.04 -0.51 -14.14
C LEU A 166 -22.53 -0.18 -14.10
N LYS A 167 -22.91 1.02 -14.55
CA LYS A 167 -24.35 1.39 -14.60
C LYS A 167 -25.13 0.37 -15.45
N ASP A 168 -24.53 -0.05 -16.55
CA ASP A 168 -25.18 -1.01 -17.49
C ASP A 168 -25.29 -2.39 -16.80
N VAL A 169 -24.26 -2.81 -16.06
CA VAL A 169 -24.34 -4.11 -15.37
C VAL A 169 -25.44 -4.05 -14.33
N LEU A 170 -25.46 -3.00 -13.50
CA LEU A 170 -26.47 -2.86 -12.41
C LEU A 170 -27.88 -2.88 -12.98
N GLN A 171 -28.07 -2.27 -14.14
CA GLN A 171 -29.43 -2.22 -14.77
C GLN A 171 -29.83 -3.63 -15.27
N SER A 172 -28.85 -4.47 -15.62
N SER A 172 -28.87 -4.48 -15.61
CA SER A 172 -29.06 -5.75 -16.36
CA SER A 172 -29.12 -5.73 -16.38
C SER A 172 -29.42 -6.92 -15.46
C SER A 172 -29.31 -6.96 -15.49
N VAL A 173 -29.01 -6.90 -14.19
CA VAL A 173 -29.19 -8.06 -13.28
C VAL A 173 -29.75 -7.60 -11.94
N ASP A 174 -30.40 -8.54 -11.27
CA ASP A 174 -30.94 -8.37 -9.91
C ASP A 174 -29.95 -8.84 -8.85
N ALA A 175 -28.98 -9.67 -9.19
CA ALA A 175 -28.01 -10.23 -8.24
C ALA A 175 -27.15 -9.09 -7.71
N LYS A 176 -26.47 -9.40 -6.64
CA LYS A 176 -25.51 -8.49 -5.98
C LYS A 176 -24.34 -8.27 -6.93
N VAL A 177 -24.07 -7.02 -7.22
CA VAL A 177 -22.95 -6.62 -8.12
C VAL A 177 -21.79 -6.12 -7.29
N ILE A 178 -20.58 -6.52 -7.69
CA ILE A 178 -19.33 -6.11 -7.03
C ILE A 178 -18.51 -5.30 -8.02
N ALA A 179 -18.11 -4.09 -7.65
CA ALA A 179 -17.20 -3.28 -8.48
C ALA A 179 -15.79 -3.79 -8.20
N ALA A 180 -15.09 -4.32 -9.20
CA ALA A 180 -13.77 -4.94 -9.03
C ALA A 180 -12.97 -4.67 -10.31
N GLY A 181 -11.73 -4.27 -10.16
CA GLY A 181 -10.86 -3.97 -11.28
C GLY A 181 -10.81 -2.47 -11.49
N ASN A 182 -9.66 -1.89 -11.28
CA ASN A 182 -9.40 -0.45 -11.52
C ASN A 182 -10.20 0.42 -10.53
N VAL A 183 -10.49 -0.05 -9.31
CA VAL A 183 -10.99 0.86 -8.25
C VAL A 183 -9.73 1.31 -7.51
N ILE A 184 -9.26 2.49 -7.90
N ILE A 184 -9.11 2.47 -7.86
CA ILE A 184 -7.87 2.98 -7.69
CA ILE A 184 -7.75 2.82 -7.35
C ILE A 184 -7.81 3.95 -6.51
C ILE A 184 -7.75 4.05 -6.43
N THR A 185 -8.87 4.71 -6.21
CA THR A 185 -8.90 5.82 -5.24
C THR A 185 -10.16 5.76 -4.39
N PRO A 186 -10.10 6.39 -3.21
CA PRO A 186 -11.31 6.51 -2.40
C PRO A 186 -12.46 7.18 -3.16
N ASP A 187 -12.17 8.17 -4.00
CA ASP A 187 -13.22 8.81 -4.82
C ASP A 187 -13.90 7.78 -5.72
N MET A 188 -13.18 6.86 -6.37
CA MET A 188 -13.80 5.81 -7.22
C MET A 188 -14.67 4.88 -6.35
N TYR A 189 -14.14 4.50 -5.18
CA TYR A 189 -14.87 3.61 -4.25
C TYR A 189 -16.21 4.27 -3.89
N LYS A 190 -16.15 5.54 -3.52
CA LYS A 190 -17.40 6.25 -3.15
C LYS A 190 -18.38 6.27 -4.33
N ARG A 191 -17.89 6.55 -5.54
CA ARG A 191 -18.75 6.63 -6.74
C ARG A 191 -19.46 5.29 -6.96
N VAL A 192 -18.72 4.19 -6.95
CA VAL A 192 -19.37 2.88 -7.26
C VAL A 192 -20.36 2.53 -6.16
N MET A 193 -20.06 2.80 -4.91
CA MET A 193 -20.99 2.47 -3.81
C MET A 193 -22.28 3.30 -3.98
N ASP A 194 -22.12 4.57 -4.31
CA ASP A 194 -23.27 5.49 -4.52
C ASP A 194 -24.10 4.99 -5.71
N LEU A 195 -23.50 4.38 -6.73
CA LEU A 195 -24.25 3.87 -7.89
C LEU A 195 -25.04 2.60 -7.58
N GLY A 196 -24.74 1.90 -6.50
CA GLY A 196 -25.57 0.81 -5.95
C GLY A 196 -24.89 -0.55 -5.98
N VAL A 197 -23.58 -0.64 -6.12
CA VAL A 197 -22.94 -1.97 -5.93
C VAL A 197 -23.14 -2.46 -4.50
N HIS A 198 -23.11 -3.78 -4.33
CA HIS A 198 -23.19 -4.40 -2.99
C HIS A 198 -21.92 -4.09 -2.23
N CYS A 199 -20.80 -4.31 -2.86
N CYS A 199 -20.81 -4.47 -2.84
CA CYS A 199 -19.50 -4.06 -2.22
CA CYS A 199 -19.42 -4.34 -2.35
C CYS A 199 -18.48 -3.88 -3.34
C CYS A 199 -18.52 -3.66 -3.39
N SER A 200 -17.29 -3.43 -3.00
CA SER A 200 -16.23 -3.16 -3.99
CA SER A 200 -16.21 -3.10 -3.95
C SER A 200 -14.94 -3.83 -3.57
N VAL A 201 -14.22 -4.39 -4.53
CA VAL A 201 -12.89 -4.98 -4.31
C VAL A 201 -11.86 -3.89 -4.66
N VAL A 202 -10.96 -3.61 -3.74
CA VAL A 202 -9.77 -2.78 -3.99
C VAL A 202 -8.56 -3.64 -3.63
N GLY A 203 -7.67 -3.83 -4.60
CA GLY A 203 -6.49 -4.66 -4.43
C GLY A 203 -5.22 -3.82 -4.47
N GLY A 204 -4.70 -3.58 -5.65
CA GLY A 204 -3.36 -2.99 -5.80
C GLY A 204 -3.23 -1.63 -5.15
N ALA A 205 -4.27 -0.83 -5.08
CA ALA A 205 -4.21 0.49 -4.44
C ALA A 205 -3.95 0.38 -2.94
N ILE A 206 -4.16 -0.76 -2.32
CA ILE A 206 -3.87 -0.97 -0.90
C ILE A 206 -2.69 -1.91 -0.69
N THR A 207 -2.59 -3.01 -1.47
CA THR A 207 -1.71 -4.15 -1.19
C THR A 207 -0.62 -4.39 -2.24
N ARG A 208 -0.43 -3.49 -3.21
CA ARG A 208 0.69 -3.58 -4.16
C ARG A 208 1.54 -2.30 -4.10
N PRO A 209 2.46 -2.21 -3.14
CA PRO A 209 3.31 -1.02 -3.06
C PRO A 209 4.01 -0.68 -4.38
N LYS A 210 4.37 -1.66 -5.20
CA LYS A 210 5.01 -1.32 -6.51
C LYS A 210 4.06 -0.47 -7.37
N GLU A 211 2.77 -0.83 -7.40
N GLU A 211 2.76 -0.87 -7.41
CA GLU A 211 1.80 -0.12 -8.24
CA GLU A 211 1.71 -0.20 -8.19
C GLU A 211 1.49 1.24 -7.63
C GLU A 211 1.50 1.21 -7.64
N ILE A 212 1.45 1.35 -6.31
CA ILE A 212 1.21 2.67 -5.69
C ILE A 212 2.42 3.58 -5.96
N THR A 213 3.62 3.02 -5.83
CA THR A 213 4.87 3.79 -6.11
C THR A 213 4.79 4.30 -7.54
N LYS A 214 4.47 3.40 -8.47
N LYS A 214 4.36 3.48 -8.50
CA LYS A 214 4.42 3.76 -9.92
CA LYS A 214 4.27 3.94 -9.91
C LYS A 214 3.47 4.95 -10.11
C LYS A 214 3.36 5.17 -10.05
N ARG A 215 2.37 5.03 -9.34
N ARG A 215 2.18 5.19 -9.40
CA ARG A 215 1.40 6.13 -9.48
CA ARG A 215 1.29 6.37 -9.56
C ARG A 215 1.98 7.46 -8.99
C ARG A 215 2.00 7.59 -8.99
N PHE A 216 2.76 7.45 -7.91
CA PHE A 216 3.47 8.62 -7.40
C PHE A 216 4.49 9.06 -8.43
N VAL A 217 5.31 8.14 -8.92
CA VAL A 217 6.36 8.54 -9.89
C VAL A 217 5.74 9.12 -11.17
N GLN A 218 4.65 8.54 -11.65
CA GLN A 218 4.02 8.93 -12.92
C GLN A 218 3.60 10.40 -12.89
N ILE A 219 3.15 10.92 -11.74
N ILE A 219 3.14 10.95 -11.77
CA ILE A 219 2.64 12.31 -11.64
CA ILE A 219 2.63 12.35 -11.78
C ILE A 219 3.77 13.26 -12.06
C ILE A 219 3.80 13.35 -11.93
N MET A 220 5.03 12.87 -11.89
CA MET A 220 6.20 13.72 -12.20
C MET A 220 6.64 13.53 -13.66
N GLU A 221 6.07 12.55 -14.34
CA GLU A 221 6.55 12.15 -15.70
C GLU A 221 5.54 12.57 -16.75
N ASP A 222 4.32 12.92 -16.35
CA ASP A 222 3.26 13.45 -17.26
C ASP A 222 3.81 14.66 -18.03
N MET B 1 25.05 10.94 -2.90
CA MET B 1 23.99 11.93 -2.52
C MET B 1 22.63 11.41 -2.98
N LEU B 2 21.56 11.81 -2.31
CA LEU B 2 20.23 11.43 -2.78
C LEU B 2 19.89 12.12 -4.08
N PRO B 3 19.32 11.40 -5.07
CA PRO B 3 18.79 12.05 -6.26
C PRO B 3 17.52 12.83 -5.93
N HIS B 4 17.11 13.66 -6.86
CA HIS B 4 15.75 14.24 -6.82
C HIS B 4 14.78 13.06 -7.02
N GLY B 5 13.66 13.11 -6.36
CA GLY B 5 12.64 12.10 -6.66
C GLY B 5 11.98 11.61 -5.38
N LEU B 6 11.49 10.37 -5.50
CA LEU B 6 10.66 9.77 -4.43
C LEU B 6 11.49 8.87 -3.55
N ILE B 7 11.44 9.15 -2.26
CA ILE B 7 12.00 8.26 -1.24
C ILE B 7 10.80 7.53 -0.62
N VAL B 8 10.87 6.22 -0.58
CA VAL B 8 9.79 5.43 0.07
C VAL B 8 10.25 4.98 1.45
N SER B 9 9.46 5.33 2.44
CA SER B 9 9.69 4.92 3.83
C SER B 9 9.04 3.55 4.04
N CYS B 10 9.88 2.59 4.38
CA CYS B 10 9.50 1.15 4.55
C CYS B 10 9.67 0.85 6.06
N GLN B 11 8.71 1.25 6.87
CA GLN B 11 8.72 1.07 8.32
C GLN B 11 7.48 0.30 8.77
N ALA B 12 7.66 -0.45 9.84
CA ALA B 12 6.56 -1.19 10.51
C ALA B 12 7.08 -1.50 11.92
N LEU B 13 6.59 -0.76 12.86
CA LEU B 13 7.08 -0.80 14.25
C LEU B 13 6.45 -2.04 14.90
N PRO B 14 6.95 -2.48 16.07
CA PRO B 14 6.38 -3.65 16.71
C PRO B 14 4.87 -3.53 16.87
N ASP B 15 4.20 -4.66 16.71
CA ASP B 15 2.70 -4.72 16.71
C ASP B 15 2.04 -4.11 15.45
N GLU B 16 2.75 -3.46 14.53
CA GLU B 16 2.09 -3.11 13.24
C GLU B 16 2.03 -4.40 12.44
N PRO B 17 1.04 -4.56 11.52
CA PRO B 17 0.90 -5.83 10.81
C PRO B 17 2.10 -6.34 10.05
N LEU B 18 2.85 -5.44 9.37
CA LEU B 18 3.96 -5.85 8.52
C LEU B 18 5.31 -5.80 9.27
N HIS B 19 5.29 -5.70 10.60
CA HIS B 19 6.53 -5.68 11.40
C HIS B 19 7.37 -6.89 11.05
N SER B 20 8.58 -6.68 10.52
CA SER B 20 9.48 -7.72 9.99
C SER B 20 10.57 -7.06 9.16
N SER B 21 11.83 -7.29 9.48
CA SER B 21 12.95 -6.85 8.66
C SER B 21 12.81 -7.42 7.24
N PHE B 22 12.41 -8.70 7.18
N PHE B 22 12.53 -8.71 7.09
CA PHE B 22 12.17 -9.47 5.93
CA PHE B 22 12.39 -9.32 5.73
C PHE B 22 11.17 -8.73 5.07
C PHE B 22 11.14 -8.76 5.01
N ILE B 23 10.00 -8.52 5.64
CA ILE B 23 8.86 -7.90 4.94
C ILE B 23 9.28 -6.49 4.49
N MET B 24 9.93 -5.70 5.35
CA MET B 24 10.35 -4.34 4.89
C MET B 24 11.30 -4.47 3.71
N SER B 25 12.16 -5.47 3.66
CA SER B 25 13.07 -5.66 2.51
C SER B 25 12.25 -5.89 1.22
N LYS B 26 11.19 -6.70 1.28
N LYS B 26 11.04 -6.45 1.32
CA LYS B 26 10.40 -6.96 0.05
CA LYS B 26 10.15 -6.65 0.15
C LYS B 26 9.60 -5.69 -0.29
C LYS B 26 9.37 -5.36 -0.18
N MET B 27 9.14 -4.91 0.68
N MET B 27 8.90 -4.61 0.81
CA MET B 27 8.46 -3.62 0.42
CA MET B 27 8.36 -3.25 0.60
C MET B 27 9.45 -2.68 -0.29
C MET B 27 9.41 -2.41 -0.13
N ALA B 28 10.70 -2.60 0.16
CA ALA B 28 11.72 -1.75 -0.48
C ALA B 28 11.99 -2.23 -1.91
N LEU B 29 12.00 -3.52 -2.16
CA LEU B 29 12.12 -4.08 -3.51
C LEU B 29 10.97 -3.55 -4.37
N ALA B 30 9.73 -3.61 -3.85
CA ALA B 30 8.57 -3.13 -4.59
C ALA B 30 8.75 -1.66 -4.92
N ALA B 31 9.23 -0.87 -3.97
CA ALA B 31 9.42 0.60 -4.16
C ALA B 31 10.48 0.79 -5.27
N TYR B 32 11.56 0.03 -5.21
CA TYR B 32 12.62 0.10 -6.26
C TYR B 32 11.98 -0.20 -7.62
N GLU B 33 11.25 -1.30 -7.72
CA GLU B 33 10.69 -1.73 -9.02
C GLU B 33 9.68 -0.71 -9.53
N GLY B 34 9.07 0.10 -8.67
CA GLY B 34 8.10 1.11 -9.06
C GLY B 34 8.75 2.46 -9.33
N GLY B 35 10.06 2.64 -9.14
CA GLY B 35 10.73 3.90 -9.51
C GLY B 35 11.19 4.78 -8.38
N ALA B 36 11.19 4.31 -7.13
CA ALA B 36 11.79 5.06 -6.01
C ALA B 36 13.29 5.26 -6.24
N VAL B 37 13.80 6.38 -5.76
CA VAL B 37 15.26 6.70 -5.86
C VAL B 37 15.92 6.47 -4.52
N GLY B 38 15.22 6.15 -3.44
CA GLY B 38 15.82 5.92 -2.14
C GLY B 38 14.81 5.28 -1.23
N ILE B 39 15.25 4.84 -0.08
CA ILE B 39 14.43 4.19 0.98
C ILE B 39 14.69 4.88 2.30
N ARG B 40 13.68 5.04 3.13
CA ARG B 40 13.89 5.41 4.54
C ARG B 40 13.49 4.22 5.39
N ALA B 41 14.29 3.88 6.37
CA ALA B 41 14.05 2.65 7.15
C ALA B 41 14.49 2.84 8.59
N ASN B 42 13.96 2.01 9.45
CA ASN B 42 14.03 2.11 10.92
C ASN B 42 14.69 0.82 11.46
N THR B 43 15.76 0.98 12.24
CA THR B 43 16.58 -0.07 12.91
C THR B 43 17.64 -0.63 11.99
N LYS B 44 18.81 -0.92 12.56
CA LYS B 44 19.93 -1.55 11.86
C LYS B 44 19.44 -2.84 11.15
N GLU B 45 18.65 -3.65 11.82
CA GLU B 45 18.26 -4.96 11.27
C GLU B 45 17.40 -4.76 10.02
N ASP B 46 16.47 -3.82 10.03
CA ASP B 46 15.64 -3.60 8.81
C ASP B 46 16.54 -3.03 7.72
N ILE B 47 17.45 -2.09 8.05
CA ILE B 47 18.36 -1.52 7.04
C ILE B 47 19.20 -2.61 6.39
N LEU B 48 19.75 -3.51 7.20
CA LEU B 48 20.64 -4.55 6.65
C LEU B 48 19.85 -5.51 5.77
N ALA B 49 18.61 -5.80 6.12
CA ALA B 49 17.75 -6.68 5.29
C ALA B 49 17.48 -5.97 3.95
N ILE B 50 17.07 -4.70 4.01
CA ILE B 50 16.80 -3.89 2.81
C ILE B 50 18.03 -3.84 1.93
N LYS B 51 19.22 -3.68 2.51
CA LYS B 51 20.44 -3.62 1.69
C LYS B 51 20.76 -4.95 0.99
N GLU B 52 20.16 -6.07 1.40
CA GLU B 52 20.27 -7.34 0.62
C GLU B 52 19.31 -7.41 -0.56
N THR B 53 18.19 -6.65 -0.58
N THR B 53 18.36 -6.49 -0.61
CA THR B 53 17.27 -6.68 -1.75
CA THR B 53 17.24 -6.59 -1.53
C THR B 53 17.56 -5.54 -2.71
C THR B 53 17.37 -5.49 -2.60
N VAL B 54 17.95 -4.36 -2.21
CA VAL B 54 18.10 -3.18 -3.11
C VAL B 54 19.42 -2.48 -2.80
N ASP B 55 19.91 -1.78 -3.82
CA ASP B 55 21.15 -0.99 -3.71
C ASP B 55 20.81 0.50 -3.66
N LEU B 56 19.52 0.81 -3.57
CA LEU B 56 19.09 2.23 -3.37
C LEU B 56 19.76 2.81 -2.12
N PRO B 57 20.06 4.13 -2.12
CA PRO B 57 20.53 4.77 -0.91
C PRO B 57 19.46 4.71 0.18
N VAL B 58 19.89 4.48 1.39
CA VAL B 58 18.95 4.38 2.55
C VAL B 58 19.18 5.52 3.52
N ILE B 59 18.10 6.14 3.92
CA ILE B 59 18.05 7.08 5.06
C ILE B 59 17.69 6.25 6.27
N GLY B 60 18.63 6.07 7.19
CA GLY B 60 18.41 5.26 8.39
C GLY B 60 18.02 6.08 9.59
N ILE B 61 17.13 5.56 10.41
CA ILE B 61 16.81 6.05 11.76
C ILE B 61 16.78 4.87 12.71
N VAL B 62 16.78 5.16 14.01
CA VAL B 62 16.36 4.20 15.05
C VAL B 62 15.34 4.86 15.96
N LYS B 63 14.10 4.44 15.84
CA LYS B 63 13.02 4.85 16.75
C LYS B 63 13.15 4.03 18.04
N ARG B 64 13.41 4.72 19.14
CA ARG B 64 13.57 4.05 20.45
C ARG B 64 13.23 5.08 21.51
N ASP B 65 12.31 4.72 22.39
CA ASP B 65 11.86 5.62 23.48
C ASP B 65 12.86 5.56 24.65
N TYR B 66 13.04 6.71 25.28
CA TYR B 66 13.91 6.88 26.47
C TYR B 66 13.08 7.51 27.56
N ASP B 67 13.29 7.07 28.81
CA ASP B 67 12.61 7.71 29.96
C ASP B 67 13.06 9.18 30.02
N HIS B 68 12.13 10.06 30.34
CA HIS B 68 12.37 11.48 30.66
C HIS B 68 12.84 12.22 29.41
N SER B 69 12.46 11.74 28.22
CA SER B 69 12.68 12.51 26.96
C SER B 69 11.57 12.15 25.98
N ASP B 70 11.11 13.13 25.23
CA ASP B 70 10.13 12.93 24.12
C ASP B 70 10.91 12.70 22.81
N VAL B 71 12.23 12.77 22.81
CA VAL B 71 13.07 12.54 21.58
C VAL B 71 13.16 11.03 21.34
N PHE B 72 12.71 10.53 20.19
CA PHE B 72 12.71 9.06 19.95
C PHE B 72 13.27 8.70 18.58
N ILE B 73 13.48 9.68 17.70
CA ILE B 73 14.17 9.40 16.40
C ILE B 73 15.69 9.60 16.55
N THR B 74 16.45 8.52 16.67
CA THR B 74 17.93 8.53 16.77
C THR B 74 18.29 9.51 17.92
N ALA B 75 17.87 9.17 19.14
CA ALA B 75 17.94 10.04 20.32
C ALA B 75 19.36 10.26 20.78
N THR B 76 20.18 9.23 20.76
CA THR B 76 21.51 9.21 21.43
C THR B 76 22.58 8.56 20.59
N SER B 77 23.84 8.60 21.03
CA SER B 77 24.96 8.01 20.28
C SER B 77 24.79 6.47 20.11
N LYS B 78 24.03 5.83 20.97
CA LYS B 78 23.74 4.36 20.87
C LYS B 78 23.03 4.11 19.52
N GLU B 79 22.02 4.92 19.23
CA GLU B 79 21.28 4.77 17.94
C GLU B 79 22.24 5.12 16.81
N VAL B 80 23.02 6.21 16.94
CA VAL B 80 23.99 6.56 15.88
C VAL B 80 24.95 5.40 15.61
N ASP B 81 25.47 4.77 16.67
CA ASP B 81 26.41 3.64 16.48
C ASP B 81 25.74 2.52 15.67
N GLU B 82 24.50 2.19 15.98
CA GLU B 82 23.74 1.14 15.24
C GLU B 82 23.65 1.54 13.77
N LEU B 83 23.36 2.81 13.51
CA LEU B 83 23.23 3.26 12.10
C LEU B 83 24.57 3.29 11.38
N ILE B 84 25.66 3.67 12.06
CA ILE B 84 27.00 3.54 11.43
C ILE B 84 27.27 2.07 11.08
N GLU B 85 26.88 1.14 11.94
CA GLU B 85 27.08 -0.31 11.67
C GLU B 85 26.23 -0.73 10.47
N SER B 86 25.04 -0.15 10.34
CA SER B 86 24.11 -0.45 9.22
C SER B 86 24.68 -0.07 7.86
N GLN B 87 25.57 0.93 7.82
CA GLN B 87 26.17 1.46 6.57
C GLN B 87 25.11 2.17 5.71
N CYS B 88 24.04 2.65 6.34
CA CYS B 88 23.10 3.49 5.58
C CYS B 88 23.80 4.76 5.09
N GLU B 89 23.39 5.26 3.93
CA GLU B 89 24.04 6.39 3.24
C GLU B 89 23.74 7.72 3.90
N VAL B 90 22.58 7.83 4.54
CA VAL B 90 22.14 9.06 5.24
C VAL B 90 21.71 8.65 6.62
N ILE B 91 22.20 9.33 7.64
CA ILE B 91 21.71 9.16 9.02
C ILE B 91 20.73 10.28 9.31
N ALA B 92 19.50 9.94 9.63
CA ALA B 92 18.50 10.93 10.05
C ALA B 92 18.27 10.86 11.55
N LEU B 93 18.00 12.02 12.13
CA LEU B 93 17.74 12.14 13.58
C LEU B 93 16.79 13.32 13.83
N ASP B 94 16.02 13.21 14.89
CA ASP B 94 15.30 14.35 15.50
C ASP B 94 16.33 15.47 15.67
N ALA B 95 16.03 16.65 15.12
CA ALA B 95 16.90 17.84 15.23
C ALA B 95 16.06 18.98 15.82
N THR B 96 15.15 18.59 16.71
CA THR B 96 14.31 19.53 17.46
C THR B 96 15.13 20.14 18.58
N LEU B 97 14.53 21.10 19.25
CA LEU B 97 15.37 21.60 20.38
C LEU B 97 14.73 21.08 21.67
N GLN B 98 14.09 19.91 21.58
CA GLN B 98 13.65 19.17 22.78
C GLN B 98 14.83 18.57 23.54
N GLN B 99 14.62 18.36 24.84
CA GLN B 99 15.61 17.72 25.71
C GLN B 99 15.85 16.27 25.28
N ARG B 100 17.10 15.94 25.02
CA ARG B 100 17.53 14.57 24.61
C ARG B 100 17.92 13.82 25.86
N PRO B 101 17.95 12.47 25.80
CA PRO B 101 18.35 11.67 26.95
C PRO B 101 19.81 11.77 27.35
N LYS B 102 20.74 12.03 26.42
CA LYS B 102 22.19 11.91 26.65
C LYS B 102 22.89 13.08 25.98
N GLU B 103 23.63 12.88 24.88
CA GLU B 103 24.25 13.97 24.10
C GLU B 103 23.21 15.03 23.72
N THR B 104 23.63 16.28 23.69
CA THR B 104 22.85 17.36 23.05
C THR B 104 22.95 17.22 21.52
N LEU B 105 22.08 17.91 20.81
CA LEU B 105 22.04 17.84 19.34
C LEU B 105 23.41 18.21 18.74
N ASP B 106 24.03 19.29 19.22
N ASP B 106 24.07 19.29 19.19
CA ASP B 106 25.34 19.73 18.68
CA ASP B 106 25.33 19.67 18.51
C ASP B 106 26.35 18.59 18.81
C ASP B 106 26.39 18.60 18.80
N GLU B 107 26.36 17.97 19.97
CA GLU B 107 27.29 16.86 20.32
CA GLU B 107 27.27 16.84 20.35
C GLU B 107 27.02 15.66 19.41
N LEU B 108 25.77 15.35 19.12
CA LEU B 108 25.43 14.18 18.27
C LEU B 108 25.88 14.43 16.86
N VAL B 109 25.69 15.66 16.36
CA VAL B 109 26.12 16.01 15.01
C VAL B 109 27.64 15.87 14.92
N SER B 110 28.34 16.43 15.91
N SER B 110 28.35 16.44 15.90
N SER B 110 28.39 16.41 15.88
CA SER B 110 29.81 16.34 15.96
CA SER B 110 29.83 16.32 15.94
CA SER B 110 29.87 16.31 15.77
C SER B 110 30.24 14.87 15.97
C SER B 110 30.23 14.84 15.94
C SER B 110 30.30 14.84 16.00
N TYR B 111 29.56 14.05 16.78
CA TYR B 111 29.81 12.59 16.91
C TYR B 111 29.70 11.93 15.53
N ILE B 112 28.64 12.26 14.79
CA ILE B 112 28.44 11.62 13.45
C ILE B 112 29.55 12.08 12.51
N ARG B 113 29.89 13.37 12.47
CA ARG B 113 30.91 13.85 11.52
C ARG B 113 32.29 13.21 11.82
N THR B 114 32.57 12.99 13.10
N THR B 114 32.58 12.88 13.07
CA THR B 114 33.83 12.35 13.58
CA THR B 114 33.93 12.33 13.44
C THR B 114 33.84 10.88 13.15
C THR B 114 33.93 10.81 13.36
N HIS B 115 32.82 10.13 13.59
CA HIS B 115 32.81 8.63 13.56
C HIS B 115 32.39 8.12 12.17
N ALA B 116 31.66 8.92 11.40
CA ALA B 116 31.15 8.50 10.08
C ALA B 116 31.32 9.62 9.08
N PRO B 117 32.55 10.01 8.69
CA PRO B 117 32.76 11.19 7.85
C PRO B 117 32.25 11.04 6.42
N ASN B 118 31.95 9.83 5.94
CA ASN B 118 31.44 9.64 4.56
C ASN B 118 29.91 9.54 4.50
N VAL B 119 29.24 9.82 5.60
N VAL B 119 29.23 9.59 5.64
CA VAL B 119 27.77 9.62 5.70
CA VAL B 119 27.75 9.61 5.60
C VAL B 119 27.10 10.99 5.80
C VAL B 119 27.30 11.07 5.41
N GLU B 120 26.06 11.21 4.97
CA GLU B 120 25.31 12.46 4.99
C GLU B 120 24.33 12.41 6.17
N ILE B 121 23.87 13.55 6.62
CA ILE B 121 22.91 13.61 7.74
C ILE B 121 21.67 14.38 7.31
N MET B 122 20.55 13.95 7.86
CA MET B 122 19.24 14.53 7.62
C MET B 122 18.65 14.94 8.98
N ALA B 123 18.15 16.15 9.04
CA ALA B 123 17.49 16.72 10.23
C ALA B 123 15.99 16.52 10.17
N ASP B 124 15.38 15.85 11.11
CA ASP B 124 13.93 15.77 11.23
C ASP B 124 13.46 16.91 12.14
N ILE B 125 12.85 17.93 11.55
CA ILE B 125 12.45 19.14 12.32
C ILE B 125 10.94 19.31 12.33
N ALA B 126 10.49 20.18 13.22
CA ALA B 126 9.06 20.51 13.39
C ALA B 126 8.77 22.01 13.18
N THR B 127 9.76 22.89 13.35
CA THR B 127 9.57 24.37 13.17
C THR B 127 10.65 24.99 12.28
N VAL B 128 10.38 26.17 11.75
CA VAL B 128 11.38 26.96 10.99
C VAL B 128 12.57 27.25 11.93
N GLU B 129 12.37 27.55 13.21
CA GLU B 129 13.51 27.86 14.10
C GLU B 129 14.46 26.63 14.09
N GLU B 130 13.90 25.42 14.19
CA GLU B 130 14.71 24.18 14.17
C GLU B 130 15.39 23.99 12.81
N ALA B 131 14.69 24.26 11.72
CA ALA B 131 15.24 24.12 10.35
C ALA B 131 16.45 25.06 10.22
N LYS B 132 16.32 26.30 10.69
CA LYS B 132 17.48 27.23 10.52
C LYS B 132 18.64 26.76 11.38
N ASN B 133 18.41 26.22 12.56
CA ASN B 133 19.48 25.67 13.43
C ASN B 133 20.15 24.49 12.71
N ALA B 134 19.37 23.61 12.09
CA ALA B 134 19.93 22.49 11.33
C ALA B 134 20.84 22.94 10.21
N ALA B 135 20.45 23.97 9.45
CA ALA B 135 21.28 24.52 8.36
C ALA B 135 22.58 25.03 8.97
N ARG B 136 22.53 25.70 10.11
CA ARG B 136 23.75 26.21 10.81
C ARG B 136 24.68 25.05 11.13
N LEU B 137 24.11 23.95 11.60
CA LEU B 137 24.86 22.73 12.00
C LEU B 137 25.43 22.00 10.81
N GLY B 138 25.06 22.35 9.59
CA GLY B 138 25.63 21.76 8.38
C GLY B 138 24.95 20.45 8.03
N PHE B 139 23.68 20.30 8.41
CA PHE B 139 22.94 19.12 7.89
C PHE B 139 22.91 19.16 6.36
N ASP B 140 23.03 17.99 5.73
CA ASP B 140 22.97 17.80 4.27
C ASP B 140 21.52 17.97 3.79
N TYR B 141 20.58 17.45 4.57
CA TYR B 141 19.13 17.46 4.25
C TYR B 141 18.36 17.93 5.48
N ILE B 142 17.35 18.74 5.23
CA ILE B 142 16.44 19.23 6.30
C ILE B 142 15.02 18.75 5.95
N GLY B 143 14.48 17.85 6.76
CA GLY B 143 13.15 17.24 6.50
C GLY B 143 12.08 17.79 7.44
N THR B 144 10.84 17.80 6.96
CA THR B 144 9.66 18.29 7.75
C THR B 144 9.01 17.20 8.58
N THR B 145 9.76 16.13 8.87
CA THR B 145 9.23 14.87 9.39
C THR B 145 8.43 15.05 10.67
N LEU B 146 8.89 15.90 11.59
CA LEU B 146 8.23 15.96 12.92
C LEU B 146 7.20 17.06 12.98
N HIS B 147 6.99 17.81 11.92
CA HIS B 147 5.96 18.85 11.88
C HIS B 147 4.57 18.18 12.05
N GLY B 148 3.88 18.52 13.12
CA GLY B 148 2.60 17.89 13.49
C GLY B 148 2.73 16.73 14.44
N TYR B 149 3.94 16.31 14.86
CA TYR B 149 4.23 15.10 15.64
C TYR B 149 5.02 15.47 16.91
N THR B 150 5.00 16.75 17.26
CA THR B 150 5.52 17.21 18.57
C THR B 150 4.40 17.90 19.36
N SER B 151 4.62 18.06 20.67
CA SER B 151 3.58 18.64 21.53
C SER B 151 3.29 20.08 21.12
N TYR B 152 4.24 20.79 20.48
CA TYR B 152 4.19 22.22 20.10
C TYR B 152 3.76 22.42 18.66
N THR B 153 3.47 21.34 17.93
CA THR B 153 2.94 21.44 16.56
C THR B 153 1.70 20.56 16.42
N GLN B 154 0.99 20.25 17.52
CA GLN B 154 -0.18 19.31 17.50
C GLN B 154 -1.25 19.85 16.57
N GLY B 155 -1.79 19.00 15.71
CA GLY B 155 -2.85 19.39 14.76
C GLY B 155 -2.32 20.04 13.49
N GLN B 156 -1.05 20.42 13.43
CA GLN B 156 -0.49 21.03 12.21
CA GLN B 156 -0.48 21.04 12.21
C GLN B 156 -0.17 19.85 11.30
N LEU B 157 -0.55 19.95 10.05
CA LEU B 157 -0.19 18.89 9.09
C LEU B 157 0.45 19.61 7.93
N LEU B 158 1.42 18.95 7.29
CA LEU B 158 2.27 19.60 6.25
C LEU B 158 1.44 20.27 5.15
N TYR B 159 0.36 19.64 4.71
CA TYR B 159 -0.39 20.12 3.53
C TYR B 159 -1.28 21.32 3.86
N GLN B 160 -1.47 21.60 5.15
CA GLN B 160 -2.39 22.72 5.52
C GLN B 160 -2.00 24.03 4.86
N ASN B 161 -3.01 24.83 4.50
N ASN B 161 -3.02 24.76 4.42
CA ASN B 161 -2.86 26.16 3.84
CA ASN B 161 -2.87 26.12 3.85
C ASN B 161 -1.88 26.05 2.67
C ASN B 161 -1.88 26.05 2.67
N ASP B 162 -2.14 25.13 1.74
CA ASP B 162 -1.32 24.92 0.52
C ASP B 162 0.16 24.86 0.93
N PHE B 163 0.47 23.98 1.88
CA PHE B 163 1.86 23.64 2.26
C PHE B 163 2.56 24.89 2.77
N GLN B 164 1.86 25.78 3.51
CA GLN B 164 2.54 27.03 3.96
C GLN B 164 3.81 26.73 4.78
N PHE B 165 3.78 25.74 5.66
CA PHE B 165 4.93 25.42 6.55
C PHE B 165 6.13 25.07 5.66
N LEU B 166 5.86 24.29 4.63
CA LEU B 166 6.97 23.87 3.73
C LEU B 166 7.52 25.11 3.02
N LYS B 167 6.66 25.97 2.51
CA LYS B 167 7.11 27.22 1.86
C LYS B 167 7.95 28.01 2.85
N ASP B 168 7.56 28.05 4.11
CA ASP B 168 8.33 28.83 5.12
C ASP B 168 9.71 28.18 5.33
N VAL B 169 9.80 26.85 5.38
CA VAL B 169 11.12 26.17 5.52
C VAL B 169 11.97 26.48 4.29
N LEU B 170 11.40 26.36 3.08
CA LEU B 170 12.16 26.55 1.83
C LEU B 170 12.74 27.98 1.78
N GLN B 171 11.98 28.96 2.27
CA GLN B 171 12.40 30.40 2.25
C GLN B 171 13.51 30.65 3.28
N SER B 172 13.61 29.81 4.31
N SER B 172 13.59 29.84 4.33
CA SER B 172 14.40 30.04 5.54
CA SER B 172 14.46 30.12 5.49
C SER B 172 15.79 29.41 5.43
C SER B 172 15.86 29.54 5.27
N VAL B 173 16.00 28.41 4.56
CA VAL B 173 17.30 27.70 4.48
C VAL B 173 17.72 27.48 3.03
N ASP B 174 19.03 27.39 2.79
CA ASP B 174 19.59 27.12 1.44
C ASP B 174 19.93 25.63 1.30
N ALA B 175 19.86 24.87 2.36
CA ALA B 175 20.15 23.43 2.36
C ALA B 175 19.06 22.70 1.57
N LYS B 176 19.34 21.48 1.19
CA LYS B 176 18.35 20.60 0.52
C LYS B 176 17.22 20.32 1.49
N VAL B 177 15.99 20.58 1.07
CA VAL B 177 14.80 20.36 1.92
C VAL B 177 14.11 19.09 1.43
N ILE B 178 13.63 18.30 2.40
CA ILE B 178 12.87 17.07 2.10
C ILE B 178 11.47 17.20 2.67
N ALA B 179 10.47 17.10 1.81
CA ALA B 179 9.07 17.05 2.26
C ALA B 179 8.80 15.66 2.81
N ALA B 180 8.52 15.59 4.10
CA ALA B 180 8.27 14.30 4.77
C ALA B 180 7.19 14.47 5.82
N GLY B 181 6.30 13.48 5.88
CA GLY B 181 5.16 13.52 6.81
C GLY B 181 3.90 14.00 6.15
N ASN B 182 2.89 13.13 6.07
CA ASN B 182 1.57 13.49 5.49
C ASN B 182 1.68 13.87 4.03
N VAL B 183 2.64 13.31 3.25
CA VAL B 183 2.56 13.32 1.76
C VAL B 183 1.78 12.07 1.37
N ILE B 184 0.47 12.22 1.16
CA ILE B 184 -0.36 10.99 1.08
CA ILE B 184 -0.57 11.15 1.13
C ILE B 184 -0.96 10.72 -0.30
N THR B 185 -0.85 11.61 -1.24
CA THR B 185 -1.35 11.39 -2.60
C THR B 185 -0.32 11.83 -3.62
N PRO B 186 -0.37 11.29 -4.84
CA PRO B 186 0.45 11.78 -5.92
C PRO B 186 0.35 13.29 -6.14
N ASP B 187 -0.86 13.85 -5.99
CA ASP B 187 -1.04 15.30 -6.16
C ASP B 187 -0.23 16.07 -5.13
N MET B 188 -0.14 15.57 -3.88
CA MET B 188 0.65 16.28 -2.85
C MET B 188 2.13 16.15 -3.23
N TYR B 189 2.55 14.97 -3.68
CA TYR B 189 3.96 14.77 -4.09
C TYR B 189 4.33 15.76 -5.19
N LYS B 190 3.47 15.90 -6.20
CA LYS B 190 3.73 16.86 -7.30
C LYS B 190 3.82 18.28 -6.74
N ARG B 191 2.96 18.64 -5.81
CA ARG B 191 2.95 20.00 -5.25
C ARG B 191 4.28 20.28 -4.56
N VAL B 192 4.73 19.39 -3.69
CA VAL B 192 5.96 19.69 -2.91
C VAL B 192 7.15 19.75 -3.86
N MET B 193 7.22 18.88 -4.85
CA MET B 193 8.33 18.90 -5.83
C MET B 193 8.30 20.23 -6.61
N ASP B 194 7.10 20.66 -7.01
CA ASP B 194 6.95 21.95 -7.74
C ASP B 194 7.41 23.10 -6.84
N LEU B 195 7.20 23.05 -5.53
CA LEU B 195 7.60 24.14 -4.61
C LEU B 195 9.12 24.16 -4.41
N GLY B 196 9.85 23.11 -4.82
CA GLY B 196 11.32 23.14 -4.84
C GLY B 196 12.02 22.28 -3.80
N VAL B 197 11.33 21.30 -3.21
CA VAL B 197 12.06 20.33 -2.34
C VAL B 197 13.01 19.53 -3.22
N HIS B 198 14.06 19.05 -2.58
CA HIS B 198 15.06 18.18 -3.23
C HIS B 198 14.40 16.82 -3.54
N CYS B 199 13.73 16.27 -2.56
N CYS B 199 13.77 16.25 -2.51
CA CYS B 199 13.02 14.99 -2.71
CA CYS B 199 13.10 14.91 -2.50
C CYS B 199 11.98 14.94 -1.61
C CYS B 199 11.73 15.00 -1.83
N SER B 200 11.12 13.94 -1.70
N SER B 200 11.02 13.85 -1.78
CA SER B 200 10.01 13.77 -0.75
CA SER B 200 9.86 13.68 -0.89
C SER B 200 10.04 12.33 -0.26
C SER B 200 9.90 12.29 -0.31
N VAL B 201 9.66 12.17 1.00
CA VAL B 201 9.46 10.85 1.63
C VAL B 201 7.97 10.59 1.67
N VAL B 202 7.60 9.46 1.09
CA VAL B 202 6.22 8.92 1.19
C VAL B 202 6.33 7.58 1.92
N GLY B 203 5.57 7.42 3.02
CA GLY B 203 5.59 6.21 3.81
C GLY B 203 4.28 5.48 3.78
N GLY B 204 3.41 5.86 4.71
CA GLY B 204 2.13 5.14 4.93
C GLY B 204 1.28 5.02 3.68
N ALA B 205 1.29 5.98 2.76
CA ALA B 205 0.43 5.94 1.57
C ALA B 205 0.93 4.85 0.61
N ILE B 206 2.11 4.29 0.81
CA ILE B 206 2.62 3.15 -0.02
C ILE B 206 2.78 1.90 0.81
N THR B 207 3.27 2.00 2.05
CA THR B 207 3.73 0.82 2.81
C THR B 207 2.93 0.55 4.10
N ARG B 208 1.83 1.26 4.35
CA ARG B 208 0.93 0.99 5.50
C ARG B 208 -0.48 0.68 5.01
N PRO B 209 -0.72 -0.57 4.55
CA PRO B 209 -2.06 -0.92 4.06
C PRO B 209 -3.18 -0.61 5.05
N LYS B 210 -2.93 -0.68 6.35
CA LYS B 210 -4.00 -0.31 7.30
C LYS B 210 -4.41 1.15 7.10
N GLU B 211 -3.41 2.02 6.98
N GLU B 211 -3.44 2.07 6.95
CA GLU B 211 -3.61 3.47 6.79
CA GLU B 211 -3.76 3.51 6.80
C GLU B 211 -4.37 3.71 5.48
C GLU B 211 -4.41 3.77 5.43
N ILE B 212 -3.99 3.04 4.38
CA ILE B 212 -4.63 3.25 3.06
C ILE B 212 -6.08 2.75 3.17
N THR B 213 -6.27 1.60 3.78
CA THR B 213 -7.62 1.03 3.93
C THR B 213 -8.49 2.04 4.67
N LYS B 214 -7.99 2.62 5.77
N LYS B 214 -7.99 2.64 5.75
CA LYS B 214 -8.76 3.63 6.53
CA LYS B 214 -8.81 3.61 6.52
C LYS B 214 -9.20 4.78 5.62
C LYS B 214 -9.20 4.80 5.64
N ARG B 215 -8.37 5.24 4.68
CA ARG B 215 -8.77 6.35 3.77
CA ARG B 215 -8.77 6.35 3.78
C ARG B 215 -9.92 5.91 2.86
N PHE B 216 -9.90 4.67 2.39
CA PHE B 216 -11.04 4.18 1.59
C PHE B 216 -12.30 4.12 2.44
N VAL B 217 -12.19 3.56 3.62
CA VAL B 217 -13.42 3.40 4.47
C VAL B 217 -13.96 4.80 4.82
N GLN B 218 -13.08 5.77 5.12
CA GLN B 218 -13.50 7.09 5.64
C GLN B 218 -14.33 7.85 4.61
N ILE B 219 -14.10 7.64 3.32
N ILE B 219 -14.10 7.63 3.31
CA ILE B 219 -14.83 8.41 2.28
CA ILE B 219 -14.83 8.38 2.25
C ILE B 219 -16.30 7.96 2.23
C ILE B 219 -16.32 8.04 2.37
N MET B 220 -16.65 6.85 2.89
CA MET B 220 -18.07 6.44 3.04
C MET B 220 -18.65 6.94 4.36
N GLU B 221 -17.85 7.50 5.23
CA GLU B 221 -18.29 7.79 6.64
C GLU B 221 -18.39 9.31 6.85
N ASP B 222 -17.92 10.11 5.91
CA ASP B 222 -18.04 11.59 5.94
C ASP B 222 -19.52 11.97 5.90
#